data_5IXV
#
_entry.id   5IXV
#
_cell.length_a   122.387
_cell.length_b   122.387
_cell.length_c   122.387
_cell.angle_alpha   90.00
_cell.angle_beta   90.00
_cell.angle_gamma   90.00
#
_symmetry.space_group_name_H-M   'P 21 3'
#
loop_
_entity.id
_entity.type
_entity.pdbx_description
1 polymer 'Alr2278 protein'
2 non-polymer 'PROTOPORPHYRIN IX CONTAINING FE'
3 non-polymer 1-METHYLIMIDAZOLE
4 non-polymer 'MALONATE ION'
5 water water
#
_entity_poly.entity_id   1
_entity_poly.type   'polypeptide(L)'
_entity_poly.pdbx_seq_one_letter_code
;MYGLVNKAIQDMISKHHGEDTWEAIKQKAGLEDIDFFVGMEAYSDDVTYHLVGAASEVLGKPAEELLIAFGEYWVTYTSE
EGYGELLASAGDSLPEFMENLDNLHARVGLSFPQLRPPAFECQHTSSKSMELHYQSTRAGLAPMVLGLLHGLGKRFQTKV
EVTQTAFRETGEDHDIFSIKYE
;
_entity_poly.pdbx_strand_id   A,B
#
loop_
_chem_comp.id
_chem_comp.type
_chem_comp.name
_chem_comp.formula
1MZ non-polymer 1-METHYLIMIDAZOLE 'C4 H7 N2 1'
HEM non-polymer 'PROTOPORPHYRIN IX CONTAINING FE' 'C34 H32 Fe N4 O4'
MLI non-polymer 'MALONATE ION' 'C3 H2 O4 -2'
#
# COMPACT_ATOMS: atom_id res chain seq x y z
N MET A 1 -24.33 5.35 -0.35
CA MET A 1 -23.71 6.54 0.29
C MET A 1 -24.35 7.82 -0.26
N TYR A 2 -24.08 8.95 0.39
CA TYR A 2 -24.73 10.21 0.00
C TYR A 2 -24.27 10.65 -1.39
N GLY A 3 -25.15 11.35 -2.10
CA GLY A 3 -24.99 11.55 -3.54
C GLY A 3 -23.71 12.29 -3.85
N LEU A 4 -23.17 12.98 -2.87
CA LEU A 4 -21.96 13.77 -3.08
CA LEU A 4 -21.98 13.77 -3.15
C LEU A 4 -20.82 12.84 -3.53
N VAL A 5 -20.84 11.60 -3.03
CA VAL A 5 -19.75 10.65 -3.33
C VAL A 5 -19.82 10.26 -4.79
N ASN A 6 -21.05 10.09 -5.27
CA ASN A 6 -21.28 9.70 -6.62
C ASN A 6 -21.06 10.84 -7.60
N LYS A 7 -21.47 12.06 -7.21
CA LYS A 7 -21.10 13.25 -7.99
C LYS A 7 -19.61 13.33 -8.17
N ALA A 8 -18.88 13.11 -7.09
CA ALA A 8 -17.44 13.30 -7.15
C ALA A 8 -16.79 12.30 -8.10
N ILE A 9 -17.34 11.10 -8.14
CA ILE A 9 -16.84 10.06 -9.06
C ILE A 9 -17.11 10.48 -10.49
N GLN A 10 -18.34 10.91 -10.73
CA GLN A 10 -18.72 11.52 -11.99
C GLN A 10 -17.77 12.62 -12.39
N ASP A 11 -17.51 13.54 -11.48
CA ASP A 11 -16.70 14.69 -11.82
CA ASP A 11 -16.71 14.71 -11.83
C ASP A 11 -15.28 14.27 -12.14
N MET A 12 -14.76 13.29 -11.38
CA MET A 12 -13.41 12.81 -11.67
C MET A 12 -13.35 12.25 -13.11
N ILE A 13 -14.31 11.41 -13.45
CA ILE A 13 -14.24 10.67 -14.70
C ILE A 13 -14.46 11.60 -15.90
N SER A 14 -15.51 12.41 -15.83
CA SER A 14 -15.72 13.52 -16.76
C SER A 14 -14.48 14.37 -16.97
N LYS A 15 -13.89 14.85 -15.90
CA LYS A 15 -12.78 15.78 -16.05
C LYS A 15 -11.54 15.10 -16.66
N HIS A 16 -11.42 13.79 -16.47
CA HIS A 16 -10.22 13.09 -16.88
C HIS A 16 -10.38 12.36 -18.22
N HIS A 17 -11.60 11.99 -18.58
CA HIS A 17 -11.85 11.11 -19.72
C HIS A 17 -12.99 11.60 -20.63
N GLY A 18 -13.61 12.71 -20.24
CA GLY A 18 -14.70 13.29 -21.02
C GLY A 18 -16.08 12.74 -20.70
N GLU A 19 -17.09 13.44 -21.21
CA GLU A 19 -18.48 13.18 -20.86
C GLU A 19 -19.04 11.97 -21.57
N ASP A 20 -18.53 11.66 -22.76
CA ASP A 20 -18.96 10.47 -23.49
C ASP A 20 -18.61 9.22 -22.70
N THR A 21 -17.37 9.20 -22.19
CA THR A 21 -16.91 8.12 -21.31
C THR A 21 -17.72 8.02 -20.01
N TRP A 22 -18.01 9.16 -19.38
CA TRP A 22 -18.88 9.16 -18.22
C TRP A 22 -20.23 8.50 -18.53
N GLU A 23 -20.84 8.90 -19.65
CA GLU A 23 -22.17 8.43 -20.02
C GLU A 23 -22.14 6.92 -20.32
N ALA A 24 -21.08 6.50 -21.00
CA ALA A 24 -20.82 5.08 -21.18
C ALA A 24 -20.81 4.31 -19.85
N ILE A 25 -20.01 4.82 -18.90
CA ILE A 25 -19.91 4.18 -17.60
C ILE A 25 -21.26 4.17 -16.90
N LYS A 26 -21.93 5.30 -16.96
CA LYS A 26 -23.20 5.43 -16.27
C LYS A 26 -24.21 4.48 -16.89
N GLN A 27 -24.15 4.40 -18.21
CA GLN A 27 -25.00 3.45 -18.94
C GLN A 27 -24.66 2.00 -18.57
N LYS A 28 -23.36 1.68 -18.48
CA LYS A 28 -22.95 0.32 -18.15
C LYS A 28 -23.34 -0.09 -16.72
N ALA A 29 -23.35 0.87 -15.81
CA ALA A 29 -23.72 0.62 -14.42
C ALA A 29 -25.22 0.40 -14.25
N GLY A 30 -25.99 0.60 -15.30
CA GLY A 30 -27.44 0.49 -15.21
C GLY A 30 -28.11 1.71 -14.60
N LEU A 31 -27.48 2.87 -14.73
CA LEU A 31 -27.94 4.07 -14.04
C LEU A 31 -28.23 5.17 -15.03
N GLU A 32 -28.63 4.81 -16.25
CA GLU A 32 -28.99 5.85 -17.23
C GLU A 32 -30.27 6.58 -16.80
N ASP A 33 -31.13 5.94 -16.01
CA ASP A 33 -32.36 6.54 -15.49
C ASP A 33 -32.11 7.84 -14.69
N ILE A 34 -30.99 7.86 -13.98
CA ILE A 34 -30.63 8.94 -13.06
C ILE A 34 -30.02 10.12 -13.81
N ASP A 35 -30.71 11.26 -13.76
CA ASP A 35 -30.39 12.42 -14.58
C ASP A 35 -29.20 13.18 -14.00
N PHE A 36 -29.15 13.21 -12.67
CA PHE A 36 -28.03 13.81 -11.95
C PHE A 36 -28.06 13.28 -10.53
N PHE A 37 -26.90 13.22 -9.90
CA PHE A 37 -26.89 12.79 -8.50
C PHE A 37 -27.18 13.95 -7.60
N VAL A 38 -27.98 13.70 -6.55
CA VAL A 38 -28.35 14.72 -5.58
C VAL A 38 -27.44 14.62 -4.35
N GLY A 39 -26.69 15.71 -4.14
CA GLY A 39 -25.52 15.68 -3.27
C GLY A 39 -25.85 15.26 -1.86
N MET A 40 -26.96 15.77 -1.35
CA MET A 40 -27.30 15.60 0.06
C MET A 40 -28.44 14.62 0.23
N GLU A 41 -28.56 13.70 -0.72
CA GLU A 41 -29.56 12.64 -0.67
C GLU A 41 -28.83 11.31 -0.56
N ALA A 42 -29.40 10.36 0.18
CA ALA A 42 -28.78 9.06 0.37
C ALA A 42 -29.17 8.11 -0.75
N TYR A 43 -28.16 7.45 -1.31
CA TYR A 43 -28.36 6.43 -2.31
C TYR A 43 -27.97 5.09 -1.73
N SER A 44 -28.37 4.02 -2.41
CA SER A 44 -27.92 2.68 -2.10
C SER A 44 -26.43 2.58 -2.42
N ASP A 45 -25.67 1.99 -1.50
CA ASP A 45 -24.22 1.78 -1.72
C ASP A 45 -23.96 1.17 -3.09
N ASP A 46 -24.93 0.39 -3.56
CA ASP A 46 -24.78 -0.36 -4.80
C ASP A 46 -24.48 0.58 -5.95
N VAL A 47 -25.11 1.75 -5.90
CA VAL A 47 -24.94 2.74 -6.95
C VAL A 47 -23.47 3.05 -7.13
N THR A 48 -22.78 3.21 -6.01
CA THR A 48 -21.35 3.52 -6.05
C THR A 48 -20.53 2.32 -6.52
N TYR A 49 -20.83 1.14 -5.99
CA TYR A 49 -20.11 -0.08 -6.39
C TYR A 49 -20.33 -0.41 -7.87
N HIS A 50 -21.55 -0.26 -8.35
CA HIS A 50 -21.82 -0.44 -9.77
C HIS A 50 -21.10 0.56 -10.63
N LEU A 51 -20.98 1.79 -10.17
CA LEU A 51 -20.30 2.80 -10.97
C LEU A 51 -18.84 2.46 -11.10
N VAL A 52 -18.23 2.04 -10.01
CA VAL A 52 -16.81 1.69 -10.01
C VAL A 52 -16.57 0.44 -10.85
N GLY A 53 -17.45 -0.55 -10.70
CA GLY A 53 -17.39 -1.78 -11.53
C GLY A 53 -17.48 -1.46 -13.01
N ALA A 54 -18.44 -0.60 -13.35
CA ALA A 54 -18.62 -0.19 -14.73
C ALA A 54 -17.42 0.56 -15.22
N ALA A 55 -16.84 1.42 -14.37
CA ALA A 55 -15.73 2.27 -14.82
C ALA A 55 -14.50 1.43 -15.04
N SER A 56 -14.37 0.36 -14.26
CA SER A 56 -13.24 -0.58 -14.39
C SER A 56 -13.25 -1.25 -15.76
N GLU A 57 -14.43 -1.68 -16.19
CA GLU A 57 -14.63 -2.25 -17.53
C GLU A 57 -14.32 -1.24 -18.61
N VAL A 58 -15.01 -0.12 -18.61
CA VAL A 58 -14.81 0.83 -19.70
C VAL A 58 -13.35 1.27 -19.80
N LEU A 59 -12.71 1.51 -18.67
CA LEU A 59 -11.41 2.19 -18.68
C LEU A 59 -10.26 1.18 -18.78
N GLY A 60 -10.55 -0.09 -18.48
CA GLY A 60 -9.55 -1.15 -18.52
C GLY A 60 -8.54 -1.02 -17.39
N LYS A 61 -9.03 -0.52 -16.26
CA LYS A 61 -8.26 -0.48 -15.03
C LYS A 61 -9.00 -1.25 -13.98
N PRO A 62 -8.25 -1.89 -13.06
CA PRO A 62 -8.93 -2.55 -11.98
C PRO A 62 -9.65 -1.54 -11.06
N ALA A 63 -10.65 -2.04 -10.36
CA ALA A 63 -11.50 -1.24 -9.52
C ALA A 63 -10.69 -0.63 -8.37
N GLU A 64 -9.79 -1.43 -7.79
CA GLU A 64 -8.97 -0.99 -6.70
C GLU A 64 -8.11 0.19 -7.10
N GLU A 65 -7.70 0.22 -8.35
CA GLU A 65 -6.85 1.30 -8.82
C GLU A 65 -7.65 2.60 -8.95
N LEU A 66 -8.87 2.48 -9.44
CA LEU A 66 -9.75 3.64 -9.57
C LEU A 66 -10.11 4.17 -8.18
N LEU A 67 -10.28 3.28 -7.22
CA LEU A 67 -10.61 3.69 -5.88
C LEU A 67 -9.43 4.51 -5.35
N ILE A 68 -8.20 4.07 -5.62
CA ILE A 68 -7.05 4.82 -5.13
C ILE A 68 -7.06 6.24 -5.70
N ALA A 69 -7.42 6.34 -6.96
CA ALA A 69 -7.35 7.62 -7.67
C ALA A 69 -8.47 8.53 -7.13
N PHE A 70 -9.62 7.92 -6.87
CA PHE A 70 -10.76 8.63 -6.41
C PHE A 70 -10.50 9.22 -5.03
N GLY A 71 -9.89 8.40 -4.19
CA GLY A 71 -9.46 8.83 -2.87
C GLY A 71 -8.59 10.07 -2.88
N GLU A 72 -7.54 10.06 -3.69
CA GLU A 72 -6.73 11.25 -3.90
C GLU A 72 -7.53 12.43 -4.41
N TYR A 73 -8.29 12.21 -5.48
CA TYR A 73 -9.13 13.26 -6.05
C TYR A 73 -9.99 13.93 -4.97
N TRP A 74 -10.51 13.13 -4.06
CA TRP A 74 -11.54 13.62 -3.15
C TRP A 74 -10.97 14.79 -2.35
N VAL A 75 -9.70 14.70 -2.01
CA VAL A 75 -9.09 15.66 -1.14
C VAL A 75 -9.08 17.03 -1.81
N THR A 76 -8.91 17.02 -3.12
CA THR A 76 -8.94 18.25 -3.90
C THR A 76 -10.38 18.67 -4.19
N TYR A 77 -11.21 17.71 -4.56
CA TYR A 77 -12.62 18.02 -4.78
C TYR A 77 -13.29 18.68 -3.58
N THR A 78 -13.09 18.15 -2.37
CA THR A 78 -13.78 18.71 -1.21
C THR A 78 -13.30 20.16 -0.95
N SER A 79 -12.02 20.41 -1.11
CA SER A 79 -11.51 21.75 -0.85
C SER A 79 -12.11 22.75 -1.80
N GLU A 80 -12.64 22.27 -2.92
CA GLU A 80 -13.03 23.17 -4.00
C GLU A 80 -14.53 23.24 -4.20
N GLU A 81 -15.30 22.36 -3.57
CA GLU A 81 -16.72 22.28 -3.86
C GLU A 81 -17.59 22.51 -2.66
N GLY A 82 -17.05 23.13 -1.61
CA GLY A 82 -17.92 23.50 -0.47
C GLY A 82 -17.47 23.04 0.88
N TYR A 83 -16.32 22.37 0.96
CA TYR A 83 -15.88 21.78 2.23
C TYR A 83 -14.44 22.18 2.56
N GLY A 84 -13.98 23.26 1.95
CA GLY A 84 -12.58 23.69 2.10
C GLY A 84 -12.23 24.19 3.49
N GLU A 85 -13.15 24.90 4.13
CA GLU A 85 -12.90 25.41 5.48
C GLU A 85 -13.04 24.32 6.52
N LEU A 86 -14.02 23.44 6.32
CA LEU A 86 -14.11 22.24 7.13
C LEU A 86 -12.83 21.42 7.04
N LEU A 87 -12.35 21.24 5.83
CA LEU A 87 -11.11 20.51 5.62
C LEU A 87 -9.98 21.21 6.34
N ALA A 88 -9.85 22.53 6.13
CA ALA A 88 -8.77 23.28 6.74
C ALA A 88 -8.82 23.22 8.26
N SER A 89 -10.02 23.13 8.81
CA SER A 89 -10.21 23.14 10.25
C SER A 89 -9.71 21.86 10.87
N ALA A 90 -9.65 20.78 10.09
CA ALA A 90 -9.28 19.46 10.62
C ALA A 90 -7.77 19.24 10.81
N GLY A 91 -6.96 20.22 10.44
CA GLY A 91 -5.57 20.21 10.86
C GLY A 91 -4.60 20.61 9.79
N ASP A 92 -3.34 20.73 10.18
CA ASP A 92 -2.33 21.08 9.21
C ASP A 92 -1.10 20.18 9.38
N SER A 93 -1.36 18.92 9.72
CA SER A 93 -0.47 17.85 9.34
C SER A 93 -1.25 16.55 9.16
N LEU A 94 -0.61 15.58 8.53
CA LEU A 94 -1.25 14.31 8.29
C LEU A 94 -1.68 13.66 9.59
N PRO A 95 -0.79 13.60 10.58
CA PRO A 95 -1.17 12.84 11.75
C PRO A 95 -2.22 13.58 12.56
N GLU A 96 -2.20 14.91 12.55
CA GLU A 96 -3.29 15.64 13.22
C GLU A 96 -4.60 15.41 12.47
N PHE A 97 -4.56 15.51 11.16
CA PHE A 97 -5.77 15.40 10.39
C PHE A 97 -6.46 14.09 10.67
N MET A 98 -5.69 13.00 10.70
N MET A 98 -5.69 13.01 10.75
CA MET A 98 -6.27 11.69 10.90
CA MET A 98 -6.27 11.70 10.92
C MET A 98 -6.80 11.47 12.33
C MET A 98 -6.81 11.48 12.33
N GLU A 99 -6.18 12.10 13.32
CA GLU A 99 -6.76 12.12 14.70
C GLU A 99 -8.09 12.85 14.72
N ASN A 100 -8.25 13.85 13.86
CA ASN A 100 -9.47 14.67 13.84
C ASN A 100 -10.58 14.10 12.93
N LEU A 101 -10.31 13.01 12.22
CA LEU A 101 -11.17 12.56 11.11
CA LEU A 101 -11.19 12.65 11.12
C LEU A 101 -12.58 12.21 11.60
N ASP A 102 -12.65 11.42 12.67
CA ASP A 102 -13.97 11.05 13.22
C ASP A 102 -14.82 12.30 13.57
N ASN A 103 -14.17 13.32 14.09
CA ASN A 103 -14.84 14.61 14.36
C ASN A 103 -15.17 15.37 13.09
N LEU A 104 -14.29 15.33 12.11
CA LEU A 104 -14.65 15.90 10.82
C LEU A 104 -15.93 15.23 10.30
N HIS A 105 -15.98 13.91 10.39
CA HIS A 105 -17.10 13.19 9.77
C HIS A 105 -18.35 13.43 10.63
N ALA A 106 -18.20 13.55 11.95
CA ALA A 106 -19.34 13.89 12.82
C ALA A 106 -19.92 15.24 12.44
N ARG A 107 -19.07 16.23 12.23
CA ARG A 107 -19.57 17.50 11.76
C ARG A 107 -20.44 17.22 10.55
N VAL A 108 -19.82 16.63 9.53
CA VAL A 108 -20.50 16.41 8.25
C VAL A 108 -21.84 15.74 8.49
N GLY A 109 -21.91 14.87 9.49
CA GLY A 109 -23.13 14.10 9.79
C GLY A 109 -24.23 14.84 10.55
N LEU A 110 -23.99 16.09 10.96
CA LEU A 110 -25.06 16.95 11.47
C LEU A 110 -25.96 17.33 10.29
N SER A 111 -25.28 17.71 9.22
CA SER A 111 -25.91 18.05 7.95
C SER A 111 -26.38 16.83 7.12
N PHE A 112 -25.78 15.67 7.36
CA PHE A 112 -26.18 14.47 6.64
C PHE A 112 -26.70 13.44 7.65
N PRO A 113 -27.93 13.64 8.11
CA PRO A 113 -28.53 12.89 9.25
C PRO A 113 -28.37 11.36 9.18
N GLN A 114 -28.34 10.78 7.99
CA GLN A 114 -28.22 9.30 7.84
C GLN A 114 -26.78 8.80 7.55
N LEU A 115 -25.80 9.69 7.72
CA LEU A 115 -24.39 9.35 7.49
C LEU A 115 -23.99 8.07 8.24
N ARG A 116 -23.35 7.14 7.52
CA ARG A 116 -22.60 6.08 8.18
C ARG A 116 -21.14 6.26 7.96
N PRO A 117 -20.50 7.12 8.75
CA PRO A 117 -19.09 7.42 8.44
C PRO A 117 -18.27 6.20 8.88
N PRO A 118 -17.07 6.05 8.35
CA PRO A 118 -16.10 5.11 8.92
C PRO A 118 -15.53 5.62 10.24
N ALA A 119 -14.69 4.81 10.86
CA ALA A 119 -14.04 5.19 12.10
C ALA A 119 -12.55 4.92 12.02
N PHE A 120 -11.79 5.86 12.52
CA PHE A 120 -10.36 5.82 12.39
C PHE A 120 -9.72 5.96 13.72
N GLU A 121 -8.85 5.02 14.06
CA GLU A 121 -8.03 5.08 15.24
C GLU A 121 -6.55 5.15 14.86
N CYS A 122 -5.83 6.06 15.48
CA CYS A 122 -4.39 6.23 15.27
C CYS A 122 -3.61 5.69 16.44
N GLN A 123 -2.62 4.84 16.18
CA GLN A 123 -1.58 4.55 17.17
C GLN A 123 -0.25 5.02 16.62
N HIS A 124 0.21 6.15 17.17
CA HIS A 124 1.47 6.77 16.73
C HIS A 124 2.66 5.97 17.23
N THR A 125 3.45 5.44 16.31
CA THR A 125 4.57 4.58 16.66
C THR A 125 5.89 5.39 16.67
N SER A 126 5.83 6.62 16.20
CA SER A 126 6.88 7.59 16.50
C SER A 126 6.43 8.97 16.03
N SER A 127 7.37 9.89 15.90
CA SER A 127 7.07 11.21 15.38
C SER A 127 6.95 11.19 13.86
N LYS A 128 7.32 10.06 13.24
CA LYS A 128 7.29 9.93 11.78
C LYS A 128 6.55 8.67 11.29
N SER A 129 5.79 8.03 12.16
CA SER A 129 5.08 6.86 11.73
C SER A 129 3.82 6.64 12.56
N MET A 130 2.84 5.98 11.96
CA MET A 130 1.70 5.56 12.73
C MET A 130 1.04 4.33 12.18
N GLU A 131 0.33 3.63 13.05
CA GLU A 131 -0.52 2.51 12.64
C GLU A 131 -1.98 2.97 12.62
N LEU A 132 -2.62 2.89 11.46
CA LEU A 132 -3.95 3.47 11.32
C LEU A 132 -4.99 2.35 11.21
N HIS A 133 -5.98 2.37 12.10
CA HIS A 133 -7.03 1.38 12.13
C HIS A 133 -8.32 1.94 11.48
N TYR A 134 -8.72 1.33 10.35
CA TYR A 134 -9.88 1.76 9.58
C TYR A 134 -11.06 0.83 9.79
N GLN A 135 -12.10 1.34 10.45
CA GLN A 135 -13.28 0.51 10.71
C GLN A 135 -14.48 1.02 9.98
N SER A 136 -15.10 0.13 9.22
CA SER A 136 -16.18 0.50 8.34
C SER A 136 -17.33 -0.51 8.44
N THR A 137 -18.55 0.00 8.26
CA THR A 137 -19.73 -0.79 7.98
C THR A 137 -19.73 -1.36 6.57
N ARG A 138 -18.81 -0.89 5.73
CA ARG A 138 -18.76 -1.31 4.33
C ARG A 138 -17.50 -2.12 3.98
N ALA A 139 -17.53 -2.75 2.82
CA ALA A 139 -16.42 -3.53 2.30
C ALA A 139 -15.88 -2.89 1.05
N GLY A 140 -14.63 -3.18 0.74
CA GLY A 140 -14.00 -2.78 -0.51
C GLY A 140 -13.37 -1.39 -0.63
N LEU A 141 -13.41 -0.56 0.42
CA LEU A 141 -12.93 0.84 0.31
C LEU A 141 -11.55 1.11 0.89
N ALA A 142 -10.89 0.12 1.45
CA ALA A 142 -9.51 0.32 1.90
C ALA A 142 -8.64 1.00 0.83
N PRO A 143 -8.79 0.60 -0.43
CA PRO A 143 -7.86 1.20 -1.39
C PRO A 143 -8.17 2.69 -1.58
N MET A 144 -9.40 3.08 -1.35
CA MET A 144 -9.78 4.49 -1.37
C MET A 144 -9.15 5.23 -0.21
N VAL A 145 -9.07 4.58 0.95
CA VAL A 145 -8.33 5.14 2.07
C VAL A 145 -6.86 5.38 1.71
N LEU A 146 -6.24 4.45 1.00
CA LEU A 146 -4.86 4.62 0.58
C LEU A 146 -4.70 5.92 -0.26
N GLY A 147 -5.61 6.11 -1.18
CA GLY A 147 -5.55 7.30 -2.04
C GLY A 147 -5.77 8.58 -1.25
N LEU A 148 -6.67 8.50 -0.27
CA LEU A 148 -7.00 9.67 0.55
C LEU A 148 -5.76 10.07 1.30
N LEU A 149 -5.03 9.08 1.80
CA LEU A 149 -3.83 9.38 2.59
C LEU A 149 -2.76 10.04 1.72
N HIS A 150 -2.65 9.62 0.48
CA HIS A 150 -1.73 10.27 -0.43
C HIS A 150 -2.17 11.68 -0.83
N GLY A 151 -3.48 11.87 -0.99
CA GLY A 151 -4.04 13.22 -1.16
C GLY A 151 -3.71 14.18 -0.02
N LEU A 152 -3.89 13.72 1.22
CA LEU A 152 -3.49 14.49 2.40
C LEU A 152 -1.98 14.77 2.44
N GLY A 153 -1.16 13.78 2.05
CA GLY A 153 0.28 14.00 1.91
C GLY A 153 0.56 15.15 0.95
N LYS A 154 -0.13 15.15 -0.18
CA LYS A 154 -0.02 16.30 -1.09
C LYS A 154 -0.47 17.62 -0.43
N ARG A 155 -1.66 17.64 0.18
CA ARG A 155 -2.18 18.85 0.83
C ARG A 155 -1.17 19.43 1.84
N PHE A 156 -0.50 18.58 2.58
CA PHE A 156 0.41 19.05 3.61
C PHE A 156 1.88 19.04 3.17
N GLN A 157 2.11 18.86 1.88
CA GLN A 157 3.49 18.75 1.38
C GLN A 157 4.29 17.76 2.17
N THR A 158 3.77 16.54 2.30
CA THR A 158 4.40 15.55 3.14
C THR A 158 4.50 14.25 2.35
N LYS A 159 5.68 13.64 2.41
CA LYS A 159 5.91 12.41 1.69
C LYS A 159 5.38 11.29 2.57
N VAL A 160 4.49 10.50 2.03
CA VAL A 160 3.80 9.51 2.81
C VAL A 160 3.98 8.14 2.15
N GLU A 161 4.35 7.16 2.96
CA GLU A 161 4.35 5.77 2.53
C GLU A 161 3.35 4.96 3.33
N VAL A 162 2.41 4.33 2.63
CA VAL A 162 1.32 3.58 3.26
C VAL A 162 1.37 2.13 2.83
N THR A 163 1.23 1.24 3.79
CA THR A 163 1.21 -0.18 3.48
C THR A 163 0.14 -0.86 4.34
N GLN A 164 -0.77 -1.61 3.73
CA GLN A 164 -1.83 -2.24 4.46
C GLN A 164 -1.29 -3.53 5.05
N THR A 165 -1.50 -3.72 6.36
CA THR A 165 -0.97 -4.89 7.05
C THR A 165 -2.05 -5.86 7.53
N ALA A 166 -3.30 -5.42 7.56
CA ALA A 166 -4.42 -6.34 7.85
C ALA A 166 -5.62 -6.03 7.00
N PHE A 167 -6.28 -7.08 6.49
CA PHE A 167 -7.33 -6.88 5.49
C PHE A 167 -8.66 -7.45 5.97
N ARG A 168 -9.66 -6.58 6.08
CA ARG A 168 -11.03 -7.00 6.33
C ARG A 168 -11.51 -7.98 5.25
N GLU A 169 -11.13 -7.76 4.00
CA GLU A 169 -11.46 -8.65 2.88
C GLU A 169 -11.23 -10.13 3.18
N THR A 170 -10.18 -10.42 3.95
CA THR A 170 -9.76 -11.82 4.12
C THR A 170 -10.29 -12.41 5.41
N GLY A 171 -11.11 -11.66 6.14
CA GLY A 171 -11.73 -12.15 7.36
C GLY A 171 -11.20 -11.52 8.63
N GLU A 172 -10.13 -10.74 8.50
CA GLU A 172 -9.60 -9.95 9.64
C GLU A 172 -10.60 -8.92 10.12
N ASP A 173 -10.54 -8.60 11.42
CA ASP A 173 -11.62 -7.79 12.01
C ASP A 173 -11.75 -6.48 11.25
N HIS A 174 -10.61 -5.82 10.99
CA HIS A 174 -10.59 -4.59 10.21
C HIS A 174 -9.25 -4.34 9.50
N ASP A 175 -9.30 -3.47 8.49
CA ASP A 175 -8.14 -2.95 7.81
C ASP A 175 -7.20 -2.16 8.72
N ILE A 176 -5.90 -2.51 8.72
CA ILE A 176 -4.88 -1.73 9.43
C ILE A 176 -3.80 -1.33 8.43
N PHE A 177 -3.32 -0.11 8.55
CA PHE A 177 -2.33 0.44 7.64
C PHE A 177 -1.14 0.91 8.50
N SER A 178 0.08 0.65 8.05
CA SER A 178 1.26 1.23 8.68
C SER A 178 1.78 2.37 7.79
N ILE A 179 1.98 3.53 8.38
CA ILE A 179 2.20 4.75 7.62
C ILE A 179 3.49 5.40 8.08
N LYS A 180 4.36 5.69 7.12
CA LYS A 180 5.55 6.49 7.37
C LYS A 180 5.42 7.81 6.64
N TYR A 181 5.72 8.90 7.33
CA TYR A 181 5.55 10.23 6.75
C TYR A 181 6.74 11.16 7.02
N GLU A 182 6.99 12.09 6.11
CA GLU A 182 8.01 13.13 6.33
C GLU A 182 7.97 13.66 7.77
N MET B 1 16.64 -19.34 2.75
CA MET B 1 17.16 -18.44 1.68
C MET B 1 18.67 -18.26 1.85
N TYR B 2 19.36 -17.76 0.83
CA TYR B 2 20.80 -17.57 0.90
C TYR B 2 21.18 -16.61 2.00
N GLY B 3 22.38 -16.78 2.56
CA GLY B 3 22.70 -16.17 3.84
C GLY B 3 22.74 -14.66 3.76
N LEU B 4 22.91 -14.15 2.55
CA LEU B 4 22.86 -12.72 2.28
C LEU B 4 21.62 -12.09 2.92
N VAL B 5 20.50 -12.79 2.80
CA VAL B 5 19.21 -12.26 3.22
C VAL B 5 19.19 -12.10 4.73
N ASN B 6 19.78 -13.06 5.39
CA ASN B 6 19.82 -13.05 6.83
C ASN B 6 20.84 -12.09 7.41
N LYS B 7 21.98 -11.93 6.73
CA LYS B 7 22.96 -10.88 7.08
C LYS B 7 22.30 -9.51 7.03
N ALA B 8 21.53 -9.29 5.97
CA ALA B 8 20.91 -8.00 5.79
C ALA B 8 19.91 -7.69 6.92
N ILE B 9 19.19 -8.71 7.38
CA ILE B 9 18.25 -8.54 8.49
C ILE B 9 19.02 -8.17 9.75
N GLN B 10 20.11 -8.90 9.96
CA GLN B 10 21.05 -8.61 11.02
C GLN B 10 21.55 -7.19 10.95
N ASP B 11 22.01 -6.78 9.77
CA ASP B 11 22.59 -5.46 9.60
CA ASP B 11 22.62 -5.47 9.67
C ASP B 11 21.53 -4.41 9.91
N MET B 12 20.31 -4.66 9.43
CA MET B 12 19.23 -3.69 9.67
C MET B 12 19.01 -3.52 11.18
N ILE B 13 18.93 -4.63 11.90
CA ILE B 13 18.53 -4.61 13.29
C ILE B 13 19.62 -4.05 14.20
N SER B 14 20.86 -4.46 13.94
CA SER B 14 22.02 -3.80 14.54
C SER B 14 22.08 -2.31 14.27
N LYS B 15 22.10 -1.92 13.00
CA LYS B 15 22.20 -0.51 12.70
C LYS B 15 21.12 0.31 13.44
N HIS B 16 19.91 -0.23 13.50
CA HIS B 16 18.79 0.53 14.03
C HIS B 16 18.59 0.40 15.54
N HIS B 17 19.02 -0.71 16.14
CA HIS B 17 18.65 -1.01 17.53
C HIS B 17 19.84 -1.44 18.39
N GLY B 18 21.03 -1.51 17.79
CA GLY B 18 22.23 -1.96 18.49
C GLY B 18 22.40 -3.47 18.50
N GLU B 19 23.56 -3.92 18.98
CA GLU B 19 24.01 -5.28 18.80
C GLU B 19 23.50 -6.17 19.92
N ASP B 20 23.22 -5.56 21.08
CA ASP B 20 22.60 -6.27 22.20
C ASP B 20 21.22 -6.77 21.78
N THR B 21 20.45 -5.87 21.18
CA THR B 21 19.13 -6.19 20.68
C THR B 21 19.18 -7.25 19.59
N TRP B 22 20.13 -7.10 18.67
CA TRP B 22 20.36 -8.13 17.68
C TRP B 22 20.63 -9.51 18.31
N GLU B 23 21.54 -9.53 19.29
CA GLU B 23 21.87 -10.78 19.95
C GLU B 23 20.67 -11.35 20.70
N ALA B 24 19.93 -10.50 21.39
CA ALA B 24 18.67 -10.91 22.01
C ALA B 24 17.80 -11.64 20.99
N ILE B 25 17.61 -11.01 19.82
CA ILE B 25 16.74 -11.54 18.79
C ILE B 25 17.30 -12.86 18.28
N LYS B 26 18.60 -12.88 18.09
CA LYS B 26 19.22 -14.08 17.55
C LYS B 26 19.08 -15.24 18.56
N GLN B 27 19.30 -14.93 19.83
CA GLN B 27 19.07 -15.89 20.91
C GLN B 27 17.62 -16.41 20.90
N LYS B 28 16.67 -15.49 20.85
CA LYS B 28 15.25 -15.86 20.87
C LYS B 28 14.86 -16.77 19.70
N ALA B 29 15.43 -16.51 18.53
CA ALA B 29 15.17 -17.33 17.34
C ALA B 29 15.78 -18.73 17.48
N GLY B 30 16.55 -18.97 18.54
CA GLY B 30 17.24 -20.24 18.69
C GLY B 30 18.41 -20.40 17.72
N LEU B 31 19.15 -19.32 17.48
CA LEU B 31 20.21 -19.32 16.46
C LEU B 31 21.54 -18.78 17.00
N GLU B 32 21.74 -18.92 18.31
CA GLU B 32 22.91 -18.34 18.98
C GLU B 32 24.18 -19.11 18.59
N ASP B 33 24.02 -20.39 18.30
CA ASP B 33 25.09 -21.23 17.75
C ASP B 33 25.79 -20.54 16.57
N ILE B 34 25.02 -19.83 15.74
CA ILE B 34 25.51 -19.32 14.47
C ILE B 34 26.29 -18.02 14.68
N ASP B 35 27.59 -18.05 14.42
CA ASP B 35 28.47 -16.94 14.79
C ASP B 35 28.33 -15.80 13.81
N PHE B 36 28.16 -16.16 12.53
CA PHE B 36 27.95 -15.20 11.45
C PHE B 36 27.23 -15.92 10.32
N PHE B 37 26.41 -15.20 9.58
CA PHE B 37 25.78 -15.80 8.42
C PHE B 37 26.74 -15.75 7.23
N VAL B 38 26.77 -16.85 6.47
CA VAL B 38 27.58 -16.94 5.27
C VAL B 38 26.77 -16.51 4.04
N GLY B 39 27.22 -15.45 3.40
CA GLY B 39 26.44 -14.73 2.42
C GLY B 39 25.95 -15.60 1.29
N MET B 40 26.82 -16.46 0.79
CA MET B 40 26.57 -17.18 -0.45
C MET B 40 26.38 -18.66 -0.15
N GLU B 41 25.80 -18.93 1.01
CA GLU B 41 25.44 -20.28 1.44
C GLU B 41 23.92 -20.33 1.68
N ALA B 42 23.30 -21.45 1.33
CA ALA B 42 21.85 -21.59 1.47
C ALA B 42 21.52 -22.03 2.89
N TYR B 43 20.59 -21.31 3.50
CA TYR B 43 20.04 -21.66 4.78
C TYR B 43 18.60 -22.13 4.59
N SER B 44 18.07 -22.77 5.61
CA SER B 44 16.67 -23.12 5.66
CA SER B 44 16.66 -23.12 5.61
C SER B 44 15.85 -21.85 5.79
N ASP B 45 14.79 -21.73 4.99
CA ASP B 45 13.88 -20.61 5.11
C ASP B 45 13.45 -20.32 6.55
N ASP B 46 13.44 -21.36 7.38
CA ASP B 46 13.04 -21.22 8.80
C ASP B 46 13.87 -20.17 9.54
N VAL B 47 15.15 -20.17 9.22
CA VAL B 47 16.06 -19.27 9.86
C VAL B 47 15.56 -17.84 9.72
N THR B 48 15.04 -17.52 8.53
CA THR B 48 14.55 -16.16 8.26
C THR B 48 13.21 -15.90 8.98
N TYR B 49 12.29 -16.84 8.86
CA TYR B 49 11.00 -16.72 9.55
C TYR B 49 11.15 -16.64 11.07
N HIS B 50 12.04 -17.47 11.63
CA HIS B 50 12.32 -17.40 13.07
C HIS B 50 12.92 -16.08 13.50
N LEU B 51 13.75 -15.49 12.64
CA LEU B 51 14.38 -14.23 12.98
C LEU B 51 13.36 -13.12 13.05
N VAL B 52 12.48 -13.11 12.05
CA VAL B 52 11.44 -12.10 11.98
C VAL B 52 10.47 -12.28 13.16
N GLY B 53 10.15 -13.53 13.47
CA GLY B 53 9.22 -13.86 14.56
C GLY B 53 9.81 -13.47 15.90
N ALA B 54 11.10 -13.76 16.05
CA ALA B 54 11.83 -13.37 17.24
C ALA B 54 11.93 -11.87 17.35
N ALA B 55 12.05 -11.18 16.23
CA ALA B 55 12.27 -9.73 16.28
C ALA B 55 10.96 -9.00 16.57
N SER B 56 9.87 -9.55 16.06
CA SER B 56 8.53 -9.04 16.38
C SER B 56 8.35 -8.97 17.92
N GLU B 57 8.63 -10.09 18.57
CA GLU B 57 8.56 -10.15 20.03
C GLU B 57 9.45 -9.09 20.67
N VAL B 58 10.74 -9.16 20.41
CA VAL B 58 11.66 -8.31 21.16
C VAL B 58 11.32 -6.85 20.92
N LEU B 59 11.05 -6.49 19.68
CA LEU B 59 10.92 -5.08 19.35
C LEU B 59 9.52 -4.56 19.61
N GLY B 60 8.57 -5.47 19.80
CA GLY B 60 7.16 -5.08 19.99
C GLY B 60 6.56 -4.44 18.76
N LYS B 61 6.91 -4.99 17.59
CA LYS B 61 6.28 -4.59 16.34
C LYS B 61 5.75 -5.84 15.70
N PRO B 62 4.64 -5.74 14.97
CA PRO B 62 4.22 -6.91 14.22
C PRO B 62 5.24 -7.32 13.14
N ALA B 63 5.18 -8.58 12.79
CA ALA B 63 6.06 -9.21 11.85
C ALA B 63 5.97 -8.55 10.50
N GLU B 64 4.75 -8.16 10.13
CA GLU B 64 4.47 -7.57 8.84
C GLU B 64 5.22 -6.28 8.69
N GLU B 65 5.28 -5.55 9.78
CA GLU B 65 5.95 -4.27 9.79
C GLU B 65 7.46 -4.42 9.63
N LEU B 66 8.04 -5.40 10.30
CA LEU B 66 9.46 -5.67 10.16
C LEU B 66 9.78 -6.08 8.72
N LEU B 67 8.87 -6.80 8.10
CA LEU B 67 9.08 -7.25 6.73
C LEU B 67 9.03 -6.06 5.76
N ILE B 68 8.06 -5.17 5.99
CA ILE B 68 7.96 -3.97 5.16
C ILE B 68 9.24 -3.17 5.27
N ALA B 69 9.75 -3.09 6.51
CA ALA B 69 10.93 -2.27 6.74
C ALA B 69 12.15 -2.92 6.09
N PHE B 70 12.26 -4.22 6.21
CA PHE B 70 13.37 -4.95 5.67
C PHE B 70 13.39 -4.81 4.19
N GLY B 71 12.20 -4.89 3.58
CA GLY B 71 12.06 -4.69 2.14
C GLY B 71 12.57 -3.33 1.63
N GLU B 72 12.17 -2.26 2.27
CA GLU B 72 12.73 -0.96 1.98
C GLU B 72 14.25 -0.91 2.17
N TYR B 73 14.71 -1.40 3.30
CA TYR B 73 16.13 -1.42 3.65
C TYR B 73 16.97 -2.12 2.57
N TRP B 74 16.42 -3.18 2.00
CA TRP B 74 17.18 -4.05 1.10
C TRP B 74 17.66 -3.26 -0.09
N VAL B 75 16.80 -2.35 -0.55
CA VAL B 75 17.12 -1.60 -1.75
C VAL B 75 18.37 -0.75 -1.53
N THR B 76 18.55 -0.28 -0.31
CA THR B 76 19.70 0.54 0.04
C THR B 76 20.90 -0.36 0.37
N TYR B 77 20.65 -1.42 1.12
CA TYR B 77 21.69 -2.36 1.44
C TYR B 77 22.41 -2.96 0.20
N THR B 78 21.64 -3.35 -0.82
CA THR B 78 22.21 -3.93 -2.03
C THR B 78 23.04 -2.91 -2.81
N SER B 79 22.56 -1.68 -2.90
CA SER B 79 23.34 -0.65 -3.55
C SER B 79 24.68 -0.45 -2.87
N GLU B 80 24.78 -0.80 -1.59
CA GLU B 80 25.96 -0.43 -0.80
C GLU B 80 26.85 -1.59 -0.43
N GLU B 81 26.42 -2.82 -0.64
CA GLU B 81 27.18 -3.98 -0.16
C GLU B 81 27.59 -4.91 -1.26
N GLY B 82 27.64 -4.42 -2.50
CA GLY B 82 28.21 -5.23 -3.58
C GLY B 82 27.33 -5.53 -4.77
N TYR B 83 26.14 -4.94 -4.80
CA TYR B 83 25.18 -5.19 -5.85
C TYR B 83 24.68 -3.90 -6.50
N GLY B 84 25.41 -2.80 -6.32
CA GLY B 84 24.97 -1.47 -6.79
C GLY B 84 24.89 -1.33 -8.30
N GLU B 85 25.85 -1.92 -9.00
CA GLU B 85 25.86 -1.86 -10.46
C GLU B 85 24.82 -2.77 -11.06
N LEU B 86 24.69 -3.94 -10.49
CA LEU B 86 23.61 -4.85 -10.87
C LEU B 86 22.25 -4.14 -10.69
N LEU B 87 22.09 -3.49 -9.56
CA LEU B 87 20.85 -2.76 -9.29
C LEU B 87 20.67 -1.67 -10.35
N ALA B 88 21.73 -0.89 -10.59
CA ALA B 88 21.61 0.22 -11.52
C ALA B 88 21.28 -0.30 -12.93
N SER B 89 21.84 -1.45 -13.26
CA SER B 89 21.66 -2.00 -14.59
C SER B 89 20.22 -2.37 -14.84
N ALA B 90 19.45 -2.58 -13.77
CA ALA B 90 18.08 -3.09 -13.93
C ALA B 90 17.03 -2.03 -14.20
N GLY B 91 17.43 -0.76 -14.26
CA GLY B 91 16.57 0.27 -14.83
C GLY B 91 16.58 1.55 -14.03
N ASP B 92 15.96 2.57 -14.61
CA ASP B 92 15.91 3.84 -13.92
C ASP B 92 14.50 4.41 -14.01
N SER B 93 13.51 3.51 -13.91
CA SER B 93 12.22 3.88 -13.36
C SER B 93 11.57 2.66 -12.74
N LEU B 94 10.52 2.86 -11.95
CA LEU B 94 9.89 1.76 -11.25
C LEU B 94 9.33 0.72 -12.22
N PRO B 95 8.61 1.14 -13.25
CA PRO B 95 8.02 0.14 -14.09
C PRO B 95 9.05 -0.62 -14.91
N GLU B 96 10.14 0.04 -15.32
CA GLU B 96 11.17 -0.67 -16.06
C GLU B 96 11.83 -1.66 -15.13
N PHE B 97 12.11 -1.22 -13.90
CA PHE B 97 12.82 -2.06 -12.95
C PHE B 97 12.08 -3.34 -12.69
N MET B 98 10.74 -3.26 -12.58
CA MET B 98 9.93 -4.45 -12.29
C MET B 98 9.81 -5.38 -13.49
N GLU B 99 9.81 -4.81 -14.70
CA GLU B 99 9.92 -5.64 -15.90
C GLU B 99 11.23 -6.41 -15.94
N ASN B 100 12.30 -5.80 -15.43
CA ASN B 100 13.64 -6.42 -15.47
C ASN B 100 13.96 -7.35 -14.29
N LEU B 101 13.07 -7.43 -13.32
CA LEU B 101 13.40 -8.06 -12.05
C LEU B 101 13.73 -9.54 -12.24
N ASP B 102 12.88 -10.28 -12.96
CA ASP B 102 13.13 -11.71 -13.14
C ASP B 102 14.52 -11.95 -13.73
N ASN B 103 14.97 -11.02 -14.58
CA ASN B 103 16.31 -11.12 -15.19
C ASN B 103 17.41 -10.67 -14.25
N LEU B 104 17.14 -9.65 -13.42
CA LEU B 104 18.06 -9.34 -12.34
C LEU B 104 18.28 -10.58 -11.46
N HIS B 105 17.21 -11.27 -11.11
CA HIS B 105 17.33 -12.37 -10.15
C HIS B 105 18.01 -13.57 -10.83
N ALA B 106 17.82 -13.72 -12.13
CA ALA B 106 18.50 -14.78 -12.91
C ALA B 106 20.03 -14.57 -12.95
N ARG B 107 20.47 -13.33 -13.11
CA ARG B 107 21.90 -13.01 -13.08
C ARG B 107 22.51 -13.34 -11.72
N VAL B 108 21.79 -12.92 -10.68
CA VAL B 108 22.18 -13.26 -9.31
C VAL B 108 22.23 -14.77 -9.16
N GLY B 109 21.37 -15.45 -9.91
CA GLY B 109 21.25 -16.90 -9.84
C GLY B 109 22.29 -17.72 -10.62
N LEU B 110 23.04 -17.07 -11.50
CA LEU B 110 24.24 -17.71 -12.07
C LEU B 110 25.21 -17.98 -10.94
N SER B 111 25.33 -16.99 -10.07
CA SER B 111 26.29 -16.97 -8.97
C SER B 111 25.77 -17.67 -7.70
N PHE B 112 24.45 -17.82 -7.60
CA PHE B 112 23.83 -18.48 -6.44
C PHE B 112 23.04 -19.69 -6.95
N PRO B 113 23.75 -20.78 -7.27
CA PRO B 113 23.22 -21.89 -8.06
C PRO B 113 21.88 -22.47 -7.56
N GLN B 114 21.65 -22.49 -6.25
CA GLN B 114 20.40 -23.04 -5.68
C GLN B 114 19.25 -22.01 -5.52
N LEU B 115 19.44 -20.81 -6.09
CA LEU B 115 18.48 -19.71 -5.88
C LEU B 115 17.05 -20.16 -6.25
N ARG B 116 16.08 -19.90 -5.38
CA ARG B 116 14.70 -19.90 -5.79
C ARG B 116 14.14 -18.49 -5.77
N PRO B 117 14.33 -17.76 -6.88
CA PRO B 117 13.85 -16.40 -6.90
C PRO B 117 12.34 -16.38 -7.09
N PRO B 118 11.69 -15.30 -6.69
CA PRO B 118 10.30 -15.12 -7.09
C PRO B 118 10.20 -14.78 -8.56
N ALA B 119 8.97 -14.60 -9.01
CA ALA B 119 8.69 -14.19 -10.38
C ALA B 119 7.70 -13.04 -10.36
N PHE B 120 8.00 -12.04 -11.18
CA PHE B 120 7.18 -10.86 -11.23
C PHE B 120 6.77 -10.57 -12.66
N GLU B 121 5.46 -10.43 -12.85
CA GLU B 121 4.91 -10.08 -14.13
C GLU B 121 4.20 -8.74 -13.97
N CYS B 122 4.39 -7.87 -14.94
CA CYS B 122 3.69 -6.57 -14.96
C CYS B 122 2.63 -6.58 -16.06
N GLN B 123 1.42 -6.14 -15.71
CA GLN B 123 0.45 -5.73 -16.72
C GLN B 123 0.14 -4.24 -16.57
N HIS B 124 0.74 -3.43 -17.44
CA HIS B 124 0.60 -1.99 -17.39
C HIS B 124 -0.79 -1.58 -17.77
N THR B 125 -1.46 -0.89 -16.86
CA THR B 125 -2.84 -0.42 -17.11
C THR B 125 -2.86 1.05 -17.52
N SER B 126 -1.71 1.71 -17.41
CA SER B 126 -1.45 2.95 -18.14
C SER B 126 0.03 3.29 -18.04
N SER B 127 0.37 4.51 -18.38
CA SER B 127 1.77 4.97 -18.27
C SER B 127 2.16 5.26 -16.83
N LYS B 128 1.19 5.28 -15.90
CA LYS B 128 1.44 5.61 -14.49
C LYS B 128 0.86 4.56 -13.51
N SER B 129 0.55 3.38 -14.01
CA SER B 129 -0.11 2.39 -13.19
C SER B 129 0.05 0.99 -13.73
N MET B 130 0.05 0.01 -12.84
CA MET B 130 0.22 -1.35 -13.29
C MET B 130 -0.47 -2.32 -12.36
N GLU B 131 -0.78 -3.50 -12.90
CA GLU B 131 -1.13 -4.63 -12.08
C GLU B 131 0.07 -5.58 -11.97
N LEU B 132 0.53 -5.81 -10.74
CA LEU B 132 1.76 -6.55 -10.54
C LEU B 132 1.48 -7.92 -9.93
N HIS B 133 1.96 -8.94 -10.62
CA HIS B 133 1.73 -10.35 -10.23
C HIS B 133 2.98 -10.89 -9.57
N TYR B 134 2.88 -11.25 -8.30
CA TYR B 134 4.03 -11.78 -7.53
C TYR B 134 3.87 -13.29 -7.31
N GLN B 135 4.73 -14.08 -7.93
CA GLN B 135 4.67 -15.54 -7.82
C GLN B 135 5.87 -16.10 -7.11
N SER B 136 5.59 -16.88 -6.07
CA SER B 136 6.66 -17.33 -5.17
C SER B 136 6.46 -18.78 -4.80
N THR B 137 7.59 -19.48 -4.63
CA THR B 137 7.63 -20.79 -3.97
C THR B 137 7.39 -20.69 -2.48
N ARG B 138 7.39 -19.47 -1.95
CA ARG B 138 7.25 -19.30 -0.50
C ARG B 138 5.97 -18.57 -0.12
N ALA B 139 5.67 -18.62 1.18
CA ALA B 139 4.48 -17.97 1.75
C ALA B 139 4.92 -16.86 2.64
N GLY B 140 4.05 -15.86 2.80
CA GLY B 140 4.23 -14.88 3.85
C GLY B 140 5.10 -13.65 3.57
N LEU B 141 5.60 -13.49 2.34
CA LEU B 141 6.52 -12.36 2.03
C LEU B 141 5.91 -11.15 1.31
N ALA B 142 4.60 -11.16 1.08
CA ALA B 142 3.96 -10.04 0.45
C ALA B 142 4.34 -8.72 1.09
N PRO B 143 4.40 -8.68 2.42
CA PRO B 143 4.64 -7.35 3.02
C PRO B 143 6.06 -6.87 2.72
N MET B 144 6.96 -7.82 2.49
CA MET B 144 8.32 -7.46 2.10
C MET B 144 8.34 -6.88 0.68
N VAL B 145 7.53 -7.46 -0.22
CA VAL B 145 7.36 -6.88 -1.53
C VAL B 145 6.86 -5.44 -1.42
N LEU B 146 5.93 -5.20 -0.52
CA LEU B 146 5.41 -3.84 -0.35
C LEU B 146 6.52 -2.90 0.05
N GLY B 147 7.39 -3.31 0.95
CA GLY B 147 8.51 -2.49 1.37
C GLY B 147 9.49 -2.28 0.25
N LEU B 148 9.72 -3.33 -0.56
CA LEU B 148 10.66 -3.23 -1.65
C LEU B 148 10.16 -2.18 -2.64
N LEU B 149 8.87 -2.14 -2.90
CA LEU B 149 8.33 -1.21 -3.88
C LEU B 149 8.49 0.25 -3.41
N HIS B 150 8.37 0.45 -2.10
CA HIS B 150 8.58 1.78 -1.55
C HIS B 150 10.05 2.20 -1.58
N GLY B 151 10.95 1.26 -1.31
CA GLY B 151 12.39 1.47 -1.52
C GLY B 151 12.73 1.88 -2.94
N LEU B 152 12.16 1.16 -3.91
CA LEU B 152 12.34 1.49 -5.30
C LEU B 152 11.75 2.89 -5.59
N GLY B 153 10.60 3.20 -4.99
CA GLY B 153 10.03 4.54 -5.14
C GLY B 153 10.97 5.61 -4.60
N LYS B 154 11.64 5.34 -3.49
CA LYS B 154 12.69 6.24 -3.03
C LYS B 154 13.82 6.30 -4.05
N ARG B 155 14.34 5.14 -4.45
CA ARG B 155 15.52 5.15 -5.34
C ARG B 155 15.27 6.00 -6.59
N PHE B 156 14.05 5.99 -7.11
CA PHE B 156 13.75 6.70 -8.34
C PHE B 156 13.02 8.01 -8.11
N GLN B 157 12.98 8.49 -6.87
CA GLN B 157 12.23 9.72 -6.58
C GLN B 157 10.80 9.65 -7.15
N THR B 158 10.13 8.56 -6.83
CA THR B 158 8.81 8.31 -7.37
C THR B 158 7.87 7.98 -6.24
N LYS B 159 6.68 8.55 -6.28
CA LYS B 159 5.65 8.25 -5.26
C LYS B 159 4.93 7.04 -5.75
N VAL B 160 4.83 6.00 -4.92
CA VAL B 160 4.10 4.80 -5.31
C VAL B 160 2.97 4.54 -4.33
N GLU B 161 1.81 4.23 -4.88
CA GLU B 161 0.66 3.80 -4.11
C GLU B 161 0.35 2.32 -4.46
N VAL B 162 0.31 1.47 -3.46
CA VAL B 162 0.24 0.02 -3.70
C VAL B 162 -0.87 -0.56 -2.85
N THR B 163 -1.72 -1.38 -3.47
CA THR B 163 -2.73 -2.09 -2.78
C THR B 163 -2.82 -3.55 -3.26
N GLN B 164 -2.85 -4.46 -2.31
CA GLN B 164 -2.89 -5.87 -2.62
C GLN B 164 -4.29 -6.25 -2.94
N THR B 165 -4.52 -6.88 -4.08
CA THR B 165 -5.89 -7.23 -4.50
C THR B 165 -6.14 -8.73 -4.54
N ALA B 166 -5.09 -9.55 -4.47
CA ALA B 166 -5.26 -11.00 -4.35
C ALA B 166 -4.22 -11.55 -3.39
N PHE B 167 -4.56 -12.68 -2.77
CA PHE B 167 -3.91 -13.20 -1.57
C PHE B 167 -3.64 -14.70 -1.68
N ARG B 168 -2.36 -15.02 -1.90
CA ARG B 168 -1.86 -16.40 -1.92
C ARG B 168 -2.13 -17.14 -0.58
N GLU B 169 -2.17 -16.38 0.51
CA GLU B 169 -2.40 -16.94 1.86
C GLU B 169 -3.74 -17.60 1.98
N THR B 170 -4.70 -17.14 1.19
CA THR B 170 -6.06 -17.63 1.35
C THR B 170 -6.37 -18.69 0.32
N GLY B 171 -5.38 -19.10 -0.46
CA GLY B 171 -5.59 -20.18 -1.43
C GLY B 171 -5.74 -19.70 -2.87
N GLU B 172 -5.72 -18.38 -3.06
CA GLU B 172 -5.61 -17.80 -4.41
C GLU B 172 -4.26 -18.13 -5.06
N ASP B 173 -4.22 -18.14 -6.39
CA ASP B 173 -3.07 -18.69 -7.07
C ASP B 173 -1.83 -17.89 -6.65
N HIS B 174 -1.95 -16.56 -6.63
CA HIS B 174 -0.81 -15.73 -6.22
C HIS B 174 -1.18 -14.31 -5.78
N ASP B 175 -0.29 -13.68 -5.04
CA ASP B 175 -0.43 -12.27 -4.68
C ASP B 175 -0.43 -11.36 -5.93
N ILE B 176 -1.44 -10.50 -5.99
CA ILE B 176 -1.55 -9.47 -7.04
C ILE B 176 -1.67 -8.10 -6.41
N PHE B 177 -1.01 -7.11 -7.01
CA PHE B 177 -1.05 -5.76 -6.49
C PHE B 177 -1.47 -4.82 -7.58
N SER B 178 -2.25 -3.79 -7.23
CA SER B 178 -2.45 -2.69 -8.14
CA SER B 178 -2.53 -2.66 -8.11
C SER B 178 -1.62 -1.51 -7.70
N ILE B 179 -0.90 -0.94 -8.65
CA ILE B 179 0.11 0.04 -8.32
C ILE B 179 -0.07 1.31 -9.13
N LYS B 180 -0.02 2.46 -8.45
CA LYS B 180 0.01 3.73 -9.14
C LYS B 180 1.26 4.44 -8.73
N TYR B 181 1.97 4.99 -9.71
CA TYR B 181 3.25 5.62 -9.44
C TYR B 181 3.40 7.00 -10.14
N GLU B 182 4.33 7.80 -9.63
CA GLU B 182 4.34 9.26 -9.73
C GLU B 182 2.96 9.88 -9.85
CHA HEM C . -17.26 8.40 3.55
CHB HEM C . -17.66 13.18 3.86
CHC HEM C . -12.81 13.41 4.25
CHD HEM C . -12.60 8.65 4.73
C1A HEM C . -17.77 9.65 3.65
C2A HEM C . -19.11 9.98 3.30
C3A HEM C . -19.20 11.32 3.31
C4A HEM C . -17.96 11.83 3.77
CMA HEM C . -20.47 12.09 3.02
CAA HEM C . -20.23 9.04 2.87
CBA HEM C . -20.82 8.35 4.11
CGA HEM C . -22.24 7.86 3.91
O1A HEM C . -22.85 8.09 2.85
O2A HEM C . -22.78 7.17 4.83
C1B HEM C . -16.35 13.65 3.95
C2B HEM C . -16.01 15.01 3.76
C3B HEM C . -14.64 15.08 3.85
C4B HEM C . -14.16 13.70 4.08
CMB HEM C . -16.97 16.13 3.44
CAB HEM C . -13.74 16.25 3.81
CBB HEM C . -14.23 17.48 3.89
C1C HEM C . -12.31 12.12 4.44
C2C HEM C . -10.95 11.77 4.53
C3C HEM C . -10.92 10.40 4.68
C4C HEM C . -12.27 9.95 4.74
CMC HEM C . -9.76 12.69 4.32
CAC HEM C . -9.75 9.51 4.83
CBC HEM C . -8.59 9.97 5.24
C1D HEM C . -13.90 8.26 4.40
C2D HEM C . -14.15 6.86 4.08
C3D HEM C . -15.46 6.77 3.76
C4D HEM C . -15.92 8.17 3.75
CMD HEM C . -13.12 5.75 4.05
CAD HEM C . -16.10 5.54 3.14
CBD HEM C . -17.35 5.01 3.84
CGD HEM C . -17.04 3.79 4.71
O1D HEM C . -15.85 3.42 4.85
O2D HEM C . -17.95 3.29 5.45
NA HEM C . -17.08 10.80 4.01
NB HEM C . -15.24 12.95 4.26
NC HEM C . -13.11 11.01 4.58
ND HEM C . -15.01 9.00 4.32
FE HEM C . -15.12 10.89 4.29
N1 1MZ D . -15.25 10.21 0.33
C2 1MZ D . -15.85 10.74 1.40
N3 1MZ D . -14.99 10.71 2.43
C4 1MZ D . -13.82 10.19 1.95
C5 1MZ D . -13.97 9.98 0.60
CM1 1MZ D . -15.89 10.07 -1.00
C1 MLI E . -8.15 8.27 -12.92
C2 MLI E . -9.42 8.96 -13.35
C3 MLI E . -7.99 6.96 -13.65
O6 MLI E . -9.36 10.18 -13.51
O7 MLI E . -10.46 8.32 -13.59
O8 MLI E . -7.31 6.06 -13.11
O9 MLI E . -8.57 6.84 -14.76
CHA HEM F . 14.58 -13.16 -2.87
CHB HEM F . 12.05 -9.40 -4.59
CHC HEM F . 16.23 -7.23 -5.66
CHD HEM F . 18.69 -11.23 -4.55
C1A HEM F . 13.59 -12.24 -3.12
C2A HEM F . 12.24 -12.40 -2.70
C3A HEM F . 11.55 -11.35 -3.19
C4A HEM F . 12.40 -10.59 -4.03
CMA HEM F . 10.10 -11.05 -2.94
CAA HEM F . 11.69 -13.40 -1.73
CBA HEM F . 11.79 -14.82 -2.26
CGA HEM F . 10.44 -15.36 -2.66
O1A HEM F . 10.31 -16.57 -2.99
O2A HEM F . 9.48 -14.57 -2.78
C1B HEM F . 12.99 -8.45 -4.97
C2B HEM F . 12.65 -7.10 -5.32
C3B HEM F . 13.85 -6.53 -5.63
C4B HEM F . 14.92 -7.49 -5.30
CMB HEM F . 11.29 -6.42 -5.46
CAB HEM F . 14.07 -5.12 -5.93
CBB HEM F . 15.17 -4.54 -5.47
C1C HEM F . 17.28 -8.10 -5.46
C2C HEM F . 18.65 -7.81 -5.60
C3C HEM F . 19.33 -8.99 -5.33
C4C HEM F . 18.38 -9.94 -4.89
CMC HEM F . 19.35 -6.56 -6.11
CAC HEM F . 20.77 -9.11 -5.22
CBC HEM F . 21.31 -9.92 -4.31
C1D HEM F . 17.71 -12.01 -3.97
C2D HEM F . 18.09 -13.24 -3.30
C3D HEM F . 16.95 -13.81 -2.88
C4D HEM F . 15.87 -12.92 -3.30
CMD HEM F . 19.47 -13.80 -3.13
CAD HEM F . 16.84 -15.07 -2.02
CBD HEM F . 16.24 -16.22 -2.86
CGD HEM F . 16.65 -17.60 -2.36
O1D HEM F . 17.45 -17.78 -1.40
O2D HEM F . 16.16 -18.58 -2.95
NA HEM F . 13.66 -11.15 -3.96
NB HEM F . 14.31 -8.65 -5.05
NC HEM F . 17.14 -9.39 -5.04
ND HEM F . 16.37 -11.84 -3.98
FE HEM F . 15.37 -10.32 -4.52
N1 1MZ G . 15.64 -9.78 -0.60
C2 1MZ G . 16.08 -10.24 -1.78
N3 1MZ G . 15.42 -9.62 -2.77
C4 1MZ G . 14.63 -8.69 -2.18
C5 1MZ G . 14.78 -8.78 -0.82
CM1 1MZ G . 16.10 -10.22 0.72
C1 MLI H . 12.22 -1.33 11.45
C2 MLI H . 12.50 0.07 10.98
C3 MLI H . 13.13 -1.67 12.61
O6 MLI H . 13.66 0.35 10.57
O7 MLI H . 11.55 0.89 10.96
O8 MLI H . 14.35 -1.91 12.35
O9 MLI H . 12.62 -1.64 13.76
#